data_6DBM
#
_entry.id   6DBM
#
_cell.length_a   36.238
_cell.length_b   73.317
_cell.length_c   101.224
_cell.angle_alpha   90.000
_cell.angle_beta   90.000
_cell.angle_gamma   90.000
#
_symmetry.space_group_name_H-M   'P 21 21 21'
#
loop_
_entity.id
_entity.type
_entity.pdbx_description
1 polymer 'Non-receptor tyrosine-protein kinase TYK2'
2 non-polymer [(1S)-2,2-difluorocyclopropyl][(1R,5S)-3-{2-[(1-methyl-1H-pyrazol-4-yl)amino]pyrimidin-4-yl}-3,8-diazabicyclo[3.2.1]octan-8-yl]methanone
3 water water
#
_entity_poly.entity_id   1
_entity_poly.type   'polypeptide(L)'
_entity_poly.pdbx_seq_one_letter_code
;MAHHHHHHHHHHGALEVLFQGPGDPTVFHKRYLKKIRDLGEGHFGKVSLYCYDPTNDGTGEMVAVKALKADAGPQHRSGW
KQEIDILRTLYHEHIIKYKGCCEDAGAASLQLVMEYVPLGSLRDYLPRHSIGLAQLLLFAQQICEGMAYLHSQHYIHRDL
AARNVLLDNDRLVKIGDFGLAKAVPEGHE(PTR)YRVREDGDSPVFWYAPECLKEYKFYYASDVWSFGVTLYELLTHCDS
SQSPPTKFLELIGIAQGQMTVLRLTELLERGERLPRPDKCPAEVYHLMKNCWETEASFRPTFENLIPILKTVHEKYQGQA
PS
;
_entity_poly.pdbx_strand_id   A
#
loop_
_chem_comp.id
_chem_comp.type
_chem_comp.name
_chem_comp.formula
G4J non-polymer [(1S)-2,2-difluorocyclopropyl][(1R,5S)-3-{2-[(1-methyl-1H-pyrazol-4-yl)amino]pyrimidin-4-yl}-3,8-diazabicyclo[3.2.1]octan-8-yl]methanone 'C18 H21 F2 N7 O'
#
# COMPACT_ATOMS: atom_id res chain seq x y z
N PRO A 25 -15.61 -4.65 -17.16
CA PRO A 25 -16.91 -4.71 -17.83
C PRO A 25 -17.55 -6.10 -17.78
N THR A 26 -16.73 -7.13 -17.64
CA THR A 26 -17.23 -8.50 -17.57
C THR A 26 -18.20 -8.69 -16.40
N VAL A 27 -19.25 -9.48 -16.63
CA VAL A 27 -20.21 -9.78 -15.58
C VAL A 27 -20.00 -11.19 -15.05
N PHE A 28 -19.85 -11.31 -13.74
CA PHE A 28 -19.76 -12.61 -13.08
C PHE A 28 -21.11 -12.99 -12.49
N HIS A 29 -21.50 -14.24 -12.72
CA HIS A 29 -22.78 -14.74 -12.22
C HIS A 29 -22.56 -15.45 -10.89
N LYS A 30 -23.16 -14.90 -9.84
CA LYS A 30 -22.94 -15.38 -8.47
C LYS A 30 -23.40 -16.83 -8.26
N ARG A 31 -23.83 -17.47 -9.34
CA ARG A 31 -24.30 -18.85 -9.26
C ARG A 31 -23.15 -19.84 -9.46
N TYR A 32 -22.14 -19.45 -10.23
CA TYR A 32 -20.97 -20.29 -10.42
C TYR A 32 -19.85 -19.87 -9.46
N LEU A 33 -20.25 -19.19 -8.39
CA LEU A 33 -19.30 -18.71 -7.39
C LEU A 33 -19.21 -19.65 -6.19
N LYS A 34 -18.04 -20.27 -6.03
CA LYS A 34 -17.79 -21.13 -4.88
C LYS A 34 -16.76 -20.52 -3.94
N LYS A 35 -17.17 -20.23 -2.72
CA LYS A 35 -16.28 -19.63 -1.73
C LYS A 35 -15.29 -20.66 -1.20
N ILE A 36 -14.00 -20.39 -1.39
CA ILE A 36 -12.97 -21.32 -0.95
C ILE A 36 -12.48 -20.96 0.45
N ARG A 37 -12.24 -19.67 0.66
CA ARG A 37 -11.80 -19.18 1.97
C ARG A 37 -11.68 -17.66 1.98
N ASP A 38 -11.48 -17.11 3.18
CA ASP A 38 -11.28 -15.68 3.33
C ASP A 38 -9.81 -15.32 3.08
N LEU A 39 -9.59 -14.15 2.46
CA LEU A 39 -8.24 -13.72 2.15
C LEU A 39 -7.87 -12.48 2.95
N GLY A 40 -8.88 -11.77 3.45
CA GLY A 40 -8.63 -10.60 4.28
C GLY A 40 -9.77 -9.61 4.36
N GLU A 41 -9.63 -8.66 5.28
CA GLU A 41 -10.59 -7.57 5.41
C GLU A 41 -9.90 -6.35 5.99
N GLY A 42 -10.46 -5.17 5.71
CA GLY A 42 -9.87 -3.92 6.17
C GLY A 42 -10.67 -2.72 5.73
N HIS A 43 -10.66 -1.68 6.54
CA HIS A 43 -11.47 -0.49 6.29
C HIS A 43 -12.91 -0.87 5.98
N PHE A 44 -13.26 -0.83 4.70
CA PHE A 44 -14.65 -0.97 4.27
C PHE A 44 -15.08 -2.42 4.02
N GLY A 45 -14.27 -3.16 3.26
CA GLY A 45 -14.72 -4.46 2.78
C GLY A 45 -13.97 -5.70 3.22
N LYS A 46 -14.40 -6.83 2.66
CA LYS A 46 -13.77 -8.13 2.89
C LYS A 46 -13.40 -8.77 1.56
N VAL A 47 -12.36 -9.60 1.57
CA VAL A 47 -11.90 -10.25 0.35
C VAL A 47 -11.84 -11.76 0.54
N SER A 48 -12.47 -12.49 -0.36
CA SER A 48 -12.54 -13.95 -0.26
C SER A 48 -12.07 -14.62 -1.55
N LEU A 49 -11.46 -15.79 -1.41
CA LEU A 49 -11.04 -16.58 -2.56
C LEU A 49 -12.22 -17.39 -3.09
N TYR A 50 -12.46 -17.31 -4.39
CA TYR A 50 -13.60 -17.98 -5.01
C TYR A 50 -13.22 -18.87 -6.18
N CYS A 51 -14.05 -19.87 -6.45
CA CYS A 51 -13.86 -20.74 -7.60
C CYS A 51 -14.94 -20.44 -8.63
N TYR A 52 -14.56 -20.46 -9.91
CA TYR A 52 -15.48 -20.10 -10.98
C TYR A 52 -15.24 -20.94 -12.22
N GLU A 61 -11.65 -21.63 -12.84
CA GLU A 61 -10.75 -20.52 -12.54
C GLU A 61 -10.91 -20.08 -11.07
N MET A 62 -9.88 -19.48 -10.50
CA MET A 62 -9.94 -18.98 -9.11
C MET A 62 -9.82 -17.47 -9.07
N VAL A 63 -10.77 -16.82 -8.41
CA VAL A 63 -10.81 -15.37 -8.31
C VAL A 63 -10.83 -14.90 -6.86
N ALA A 64 -10.32 -13.69 -6.64
CA ALA A 64 -10.47 -13.02 -5.36
C ALA A 64 -11.59 -11.99 -5.48
N VAL A 65 -12.61 -12.12 -4.63
CA VAL A 65 -13.75 -11.22 -4.71
C VAL A 65 -13.81 -10.33 -3.48
N LYS A 66 -13.95 -9.02 -3.72
CA LYS A 66 -14.02 -8.05 -2.63
C LYS A 66 -15.44 -7.50 -2.50
N ALA A 67 -15.93 -7.43 -1.27
CA ALA A 67 -17.29 -6.97 -1.04
C ALA A 67 -17.34 -5.84 -0.02
N LEU A 68 -18.32 -4.96 -0.18
CA LEU A 68 -18.55 -3.87 0.77
C LEU A 68 -19.32 -4.42 1.97
N LYS A 69 -18.83 -4.14 3.18
CA LYS A 69 -19.44 -4.67 4.39
C LYS A 69 -20.91 -4.32 4.50
N GLN A 75 -22.12 6.76 3.08
CA GLN A 75 -20.95 7.44 2.53
C GLN A 75 -19.95 6.44 1.97
N HIS A 76 -19.67 5.40 2.73
CA HIS A 76 -18.79 4.32 2.28
C HIS A 76 -19.29 3.77 0.95
N ARG A 77 -20.61 3.67 0.82
CA ARG A 77 -21.23 3.10 -0.38
C ARG A 77 -20.89 3.89 -1.64
N SER A 78 -20.87 5.21 -1.54
CA SER A 78 -20.63 6.08 -2.69
C SER A 78 -19.19 5.95 -3.18
N GLY A 79 -18.26 5.81 -2.24
CA GLY A 79 -16.86 5.63 -2.57
C GLY A 79 -16.61 4.29 -3.25
N TRP A 80 -17.35 3.28 -2.82
CA TRP A 80 -17.24 1.94 -3.38
C TRP A 80 -17.47 1.94 -4.88
N LYS A 81 -18.44 2.73 -5.33
CA LYS A 81 -18.69 2.87 -6.76
C LYS A 81 -17.47 3.49 -7.46
N GLN A 82 -16.82 4.42 -6.78
CA GLN A 82 -15.62 5.07 -7.32
C GLN A 82 -14.46 4.09 -7.40
N GLU A 83 -14.20 3.39 -6.30
CA GLU A 83 -13.08 2.44 -6.23
C GLU A 83 -13.13 1.43 -7.37
N ILE A 84 -14.29 0.81 -7.56
CA ILE A 84 -14.47 -0.18 -8.61
C ILE A 84 -14.08 0.40 -9.96
N ASP A 85 -14.70 1.52 -10.32
CA ASP A 85 -14.39 2.20 -11.57
C ASP A 85 -12.89 2.45 -11.71
N ILE A 86 -12.27 2.89 -10.63
CA ILE A 86 -10.82 3.14 -10.61
C ILE A 86 -10.07 1.90 -11.07
N LEU A 87 -10.31 0.78 -10.39
CA LEU A 87 -9.62 -0.46 -10.68
C LEU A 87 -9.92 -0.95 -12.10
N ARG A 88 -11.09 -0.60 -12.60
CA ARG A 88 -11.51 -1.00 -13.94
C ARG A 88 -10.68 -0.27 -14.99
N THR A 89 -10.26 0.95 -14.68
CA THR A 89 -9.54 1.80 -15.62
C THR A 89 -8.04 1.80 -15.38
N LEU A 90 -7.60 1.05 -14.37
CA LEU A 90 -6.17 0.94 -14.09
C LEU A 90 -5.60 -0.32 -14.74
N TYR A 91 -4.62 -0.13 -15.63
CA TYR A 91 -3.98 -1.27 -16.27
C TYR A 91 -2.47 -1.11 -16.26
N HIS A 92 -1.79 -1.96 -15.49
CA HIS A 92 -0.35 -1.91 -15.34
C HIS A 92 0.15 -3.26 -14.83
N GLU A 93 1.36 -3.64 -15.24
CA GLU A 93 1.89 -4.95 -14.89
C GLU A 93 2.07 -5.13 -13.39
N HIS A 94 2.05 -4.02 -12.65
CA HIS A 94 2.24 -4.07 -11.20
C HIS A 94 1.02 -3.56 -10.44
N ILE A 95 -0.15 -3.67 -11.06
CA ILE A 95 -1.41 -3.39 -10.39
C ILE A 95 -2.34 -4.58 -10.60
N ILE A 96 -2.97 -5.01 -9.52
CA ILE A 96 -3.84 -6.18 -9.56
C ILE A 96 -4.85 -6.04 -10.69
N LYS A 97 -5.14 -7.14 -11.36
CA LYS A 97 -5.99 -7.11 -12.54
C LYS A 97 -7.47 -7.19 -12.21
N TYR A 98 -8.23 -6.23 -12.74
CA TYR A 98 -9.69 -6.28 -12.69
C TYR A 98 -10.16 -7.39 -13.61
N LYS A 99 -11.22 -8.10 -13.21
CA LYS A 99 -11.76 -9.18 -14.02
C LYS A 99 -13.27 -9.10 -14.17
N GLY A 100 -13.92 -8.28 -13.35
CA GLY A 100 -15.35 -8.06 -13.47
C GLY A 100 -16.09 -7.83 -12.16
N CYS A 101 -17.42 -7.79 -12.25
CA CYS A 101 -18.27 -7.62 -11.09
C CYS A 101 -19.38 -8.67 -11.08
N CYS A 102 -20.16 -8.68 -10.01
CA CYS A 102 -21.28 -9.60 -9.90
C CYS A 102 -22.36 -9.03 -8.98
N GLU A 103 -23.48 -9.74 -8.88
CA GLU A 103 -24.60 -9.28 -8.06
C GLU A 103 -24.46 -9.69 -6.60
N ASP A 104 -24.04 -8.76 -5.76
CA ASP A 104 -23.99 -9.00 -4.33
C ASP A 104 -25.39 -8.82 -3.75
N ALA A 105 -26.25 -9.80 -4.00
CA ALA A 105 -27.64 -9.76 -3.57
C ALA A 105 -27.76 -9.45 -2.09
N GLY A 106 -26.86 -10.01 -1.30
CA GLY A 106 -26.90 -9.86 0.14
C GLY A 106 -26.40 -8.53 0.67
N ALA A 107 -26.23 -7.54 -0.21
CA ALA A 107 -25.73 -6.23 0.23
C ALA A 107 -25.86 -5.13 -0.81
N ALA A 108 -27.05 -5.03 -1.41
CA ALA A 108 -27.47 -3.87 -2.20
C ALA A 108 -26.39 -3.18 -3.05
N SER A 109 -25.48 -3.95 -3.64
CA SER A 109 -24.50 -3.36 -4.54
C SER A 109 -23.75 -4.42 -5.33
N LEU A 110 -22.49 -4.14 -5.65
CA LEU A 110 -21.67 -5.05 -6.44
C LEU A 110 -20.50 -5.60 -5.63
N GLN A 111 -20.00 -6.75 -6.06
CA GLN A 111 -18.73 -7.25 -5.58
C GLN A 111 -17.68 -7.03 -6.66
N LEU A 112 -16.42 -6.90 -6.26
CA LEU A 112 -15.34 -6.64 -7.21
C LEU A 112 -14.47 -7.87 -7.39
N VAL A 113 -14.55 -8.49 -8.55
CA VAL A 113 -13.80 -9.70 -8.85
CA VAL A 113 -13.79 -9.70 -8.82
C VAL A 113 -12.43 -9.33 -9.40
N MET A 114 -11.38 -9.92 -8.82
CA MET A 114 -10.01 -9.66 -9.26
C MET A 114 -9.26 -10.97 -9.44
N GLU A 115 -8.02 -10.88 -9.92
CA GLU A 115 -7.18 -12.07 -10.07
C GLU A 115 -6.72 -12.53 -8.69
N TYR A 116 -6.50 -13.84 -8.56
CA TYR A 116 -5.96 -14.39 -7.33
C TYR A 116 -4.44 -14.40 -7.39
N VAL A 117 -3.82 -13.54 -6.59
CA VAL A 117 -2.37 -13.56 -6.45
C VAL A 117 -2.02 -14.65 -5.44
N PRO A 118 -1.36 -15.72 -5.92
CA PRO A 118 -1.22 -16.99 -5.18
C PRO A 118 -0.40 -16.90 -3.89
N LEU A 119 0.65 -16.10 -3.87
CA LEU A 119 1.56 -16.08 -2.72
C LEU A 119 1.17 -15.04 -1.68
N GLY A 120 0.07 -14.33 -1.91
CA GLY A 120 -0.45 -13.38 -0.95
C GLY A 120 0.37 -12.10 -0.83
N SER A 121 0.17 -11.37 0.25
CA SER A 121 0.85 -10.09 0.46
C SER A 121 2.24 -10.30 1.05
N LEU A 122 3.09 -9.30 0.91
CA LEU A 122 4.46 -9.37 1.40
C LEU A 122 4.52 -9.42 2.92
N ARG A 123 3.48 -8.91 3.58
CA ARG A 123 3.39 -9.03 5.03
C ARG A 123 3.16 -10.49 5.42
N ASP A 124 2.36 -11.19 4.62
CA ASP A 124 2.12 -12.61 4.85
C ASP A 124 3.37 -13.41 4.52
N TYR A 125 3.95 -13.12 3.36
CA TYR A 125 5.00 -13.94 2.77
C TYR A 125 6.38 -13.74 3.42
N LEU A 126 6.80 -12.50 3.53
CA LEU A 126 8.17 -12.17 3.95
C LEU A 126 8.60 -12.77 5.29
N PRO A 127 7.71 -12.76 6.30
CA PRO A 127 8.11 -13.34 7.59
C PRO A 127 8.48 -14.82 7.51
N ARG A 128 7.98 -15.51 6.50
CA ARG A 128 8.17 -16.96 6.40
C ARG A 128 9.25 -17.37 5.40
N HIS A 129 9.65 -16.46 4.51
CA HIS A 129 10.61 -16.80 3.47
C HIS A 129 11.84 -15.88 3.48
N SER A 130 13.02 -16.49 3.57
CA SER A 130 14.27 -15.75 3.57
C SER A 130 14.53 -15.18 2.17
N ILE A 131 14.30 -13.88 2.02
CA ILE A 131 14.49 -13.22 0.75
C ILE A 131 15.73 -12.33 0.78
N GLY A 132 16.48 -12.32 -0.31
CA GLY A 132 17.69 -11.53 -0.40
C GLY A 132 17.44 -10.06 -0.65
N LEU A 133 18.46 -9.24 -0.45
CA LEU A 133 18.32 -7.79 -0.60
C LEU A 133 17.99 -7.41 -2.04
N ALA A 134 18.66 -8.05 -2.98
CA ALA A 134 18.43 -7.79 -4.41
C ALA A 134 16.96 -7.96 -4.75
N GLN A 135 16.38 -9.04 -4.24
CA GLN A 135 14.97 -9.35 -4.49
C GLN A 135 14.07 -8.27 -3.89
N LEU A 136 14.36 -7.88 -2.65
CA LEU A 136 13.57 -6.87 -1.95
C LEU A 136 13.61 -5.55 -2.70
N LEU A 137 14.77 -5.21 -3.25
CA LEU A 137 14.93 -3.98 -4.00
C LEU A 137 14.17 -4.04 -5.31
N LEU A 138 14.07 -5.25 -5.87
CA LEU A 138 13.28 -5.48 -7.08
C LEU A 138 11.82 -5.20 -6.80
N PHE A 139 11.32 -5.73 -5.69
CA PHE A 139 9.96 -5.44 -5.25
C PHE A 139 9.76 -3.94 -5.15
N ALA A 140 10.70 -3.28 -4.47
CA ALA A 140 10.65 -1.84 -4.25
C ALA A 140 10.53 -1.09 -5.57
N GLN A 141 11.41 -1.41 -6.51
CA GLN A 141 11.38 -0.75 -7.82
C GLN A 141 10.04 -0.90 -8.49
N GLN A 142 9.47 -2.10 -8.39
CA GLN A 142 8.20 -2.40 -9.04
C GLN A 142 7.04 -1.64 -8.39
N ILE A 143 7.10 -1.50 -7.06
CA ILE A 143 6.09 -0.73 -6.33
C ILE A 143 6.10 0.71 -6.82
N CYS A 144 7.30 1.23 -7.08
CA CYS A 144 7.45 2.60 -7.57
C CYS A 144 6.93 2.73 -8.99
N GLU A 145 7.22 1.73 -9.83
CA GLU A 145 6.69 1.71 -11.19
C GLU A 145 5.18 1.75 -11.15
N GLY A 146 4.61 0.95 -10.26
CA GLY A 146 3.16 0.91 -10.10
C GLY A 146 2.59 2.19 -9.52
N MET A 147 3.28 2.76 -8.53
CA MET A 147 2.85 4.01 -7.93
C MET A 147 3.02 5.19 -8.89
N ALA A 148 4.10 5.17 -9.66
CA ALA A 148 4.34 6.20 -10.66
C ALA A 148 3.20 6.24 -11.67
N TYR A 149 2.78 5.05 -12.10
CA TYR A 149 1.66 4.95 -13.03
C TYR A 149 0.36 5.43 -12.39
N LEU A 150 0.17 5.11 -11.12
CA LEU A 150 -1.01 5.52 -10.39
C LEU A 150 -1.13 7.04 -10.37
N HIS A 151 -0.02 7.71 -10.07
CA HIS A 151 -0.01 9.15 -9.96
C HIS A 151 -0.19 9.84 -11.31
N SER A 152 0.36 9.24 -12.36
CA SER A 152 0.22 9.80 -13.70
C SER A 152 -1.23 9.74 -14.14
N GLN A 153 -1.98 8.83 -13.52
CA GLN A 153 -3.42 8.77 -13.73
C GLN A 153 -4.11 9.75 -12.78
N HIS A 154 -3.29 10.51 -12.07
CA HIS A 154 -3.77 11.52 -11.13
C HIS A 154 -4.61 10.90 -10.03
N TYR A 155 -4.07 9.85 -9.43
CA TYR A 155 -4.67 9.22 -8.25
C TYR A 155 -3.66 9.18 -7.11
N ILE A 156 -4.12 9.42 -5.90
CA ILE A 156 -3.32 9.15 -4.72
C ILE A 156 -3.81 7.84 -4.12
N HIS A 157 -2.94 7.14 -3.41
CA HIS A 157 -3.29 5.82 -2.89
C HIS A 157 -3.82 5.89 -1.46
N ARG A 158 -3.01 6.44 -0.56
CA ARG A 158 -3.43 6.72 0.82
C ARG A 158 -3.43 5.48 1.71
N ASP A 159 -2.88 4.37 1.23
CA ASP A 159 -2.80 3.15 2.03
C ASP A 159 -1.69 2.24 1.52
N LEU A 160 -0.59 2.84 1.09
CA LEU A 160 0.54 2.07 0.60
C LEU A 160 1.32 1.44 1.74
N ALA A 161 1.12 0.13 1.92
CA ALA A 161 1.83 -0.62 2.94
C ALA A 161 2.10 -2.03 2.44
N ALA A 162 2.97 -2.75 3.15
CA ALA A 162 3.35 -4.09 2.74
C ALA A 162 2.15 -5.01 2.64
N ARG A 163 1.17 -4.81 3.52
CA ARG A 163 -0.03 -5.64 3.56
CA ARG A 163 -0.01 -5.66 3.55
C ARG A 163 -0.83 -5.52 2.27
N ASN A 164 -0.53 -4.51 1.46
CA ASN A 164 -1.27 -4.27 0.24
C ASN A 164 -0.45 -4.51 -1.02
N VAL A 165 0.72 -5.12 -0.85
CA VAL A 165 1.55 -5.50 -1.99
C VAL A 165 1.54 -7.01 -2.13
N LEU A 166 1.14 -7.49 -3.31
CA LEU A 166 0.92 -8.93 -3.51
C LEU A 166 2.01 -9.58 -4.34
N LEU A 167 2.35 -10.82 -3.98
CA LEU A 167 3.40 -11.58 -4.67
C LEU A 167 2.79 -12.54 -5.67
N ASP A 168 3.03 -12.31 -6.96
CA ASP A 168 2.57 -13.23 -7.99
C ASP A 168 3.57 -14.38 -8.10
N ASN A 169 4.84 -14.02 -8.23
CA ASN A 169 5.94 -14.98 -8.16
C ASN A 169 7.18 -14.23 -7.64
N ASP A 170 8.25 -14.97 -7.36
CA ASP A 170 9.41 -14.37 -6.69
C ASP A 170 10.09 -13.26 -7.50
N ARG A 171 9.58 -12.97 -8.70
CA ARG A 171 10.13 -11.90 -9.53
C ARG A 171 9.05 -10.94 -10.02
N LEU A 172 7.91 -10.94 -9.34
CA LEU A 172 6.79 -10.09 -9.75
C LEU A 172 5.95 -9.68 -8.53
N VAL A 173 5.66 -8.40 -8.41
CA VAL A 173 4.87 -7.88 -7.29
C VAL A 173 3.77 -6.94 -7.81
N LYS A 174 2.66 -6.89 -7.09
CA LYS A 174 1.51 -6.10 -7.50
C LYS A 174 0.86 -5.35 -6.34
N ILE A 175 0.37 -4.15 -6.63
CA ILE A 175 -0.43 -3.39 -5.66
C ILE A 175 -1.85 -3.96 -5.68
N GLY A 176 -2.28 -4.51 -4.55
CA GLY A 176 -3.48 -5.31 -4.51
C GLY A 176 -4.76 -4.72 -3.93
N ASP A 177 -4.72 -3.46 -3.51
CA ASP A 177 -5.93 -2.84 -2.97
C ASP A 177 -5.93 -1.32 -3.18
N PHE A 178 -7.12 -0.77 -3.40
CA PHE A 178 -7.28 0.66 -3.65
C PHE A 178 -8.48 1.21 -2.90
N GLY A 179 -8.65 0.77 -1.65
CA GLY A 179 -9.79 1.16 -0.85
C GLY A 179 -9.83 2.62 -0.46
N LEU A 180 -8.65 3.25 -0.37
CA LEU A 180 -8.57 4.65 0.02
C LEU A 180 -8.19 5.56 -1.13
N ALA A 181 -7.82 4.95 -2.26
CA ALA A 181 -7.39 5.70 -3.43
C ALA A 181 -8.39 6.79 -3.79
N LYS A 182 -7.88 7.96 -4.14
CA LYS A 182 -8.71 9.10 -4.50
C LYS A 182 -8.17 9.82 -5.72
N ALA A 183 -9.07 10.45 -6.48
CA ALA A 183 -8.67 11.29 -7.59
C ALA A 183 -8.25 12.66 -7.08
N VAL A 184 -7.12 13.16 -7.57
CA VAL A 184 -6.62 14.47 -7.15
C VAL A 184 -7.33 15.56 -7.94
N PRO A 185 -8.00 16.49 -7.22
CA PRO A 185 -8.75 17.60 -7.82
C PRO A 185 -7.96 18.33 -8.90
N GLU A 186 -8.61 18.52 -10.06
CA GLU A 186 -7.99 19.13 -11.23
C GLU A 186 -7.10 20.33 -10.88
N GLY A 187 -7.64 21.27 -10.12
CA GLY A 187 -6.93 22.50 -9.80
C GLY A 187 -6.22 22.52 -8.47
N HIS A 188 -5.79 21.34 -8.01
CA HIS A 188 -5.08 21.25 -6.73
C HIS A 188 -3.91 20.27 -6.80
N GLU A 189 -3.06 20.33 -5.78
CA GLU A 189 -1.92 19.43 -5.68
C GLU A 189 -2.09 18.47 -4.51
N PTR A 190 -3.18 18.65 -3.76
CA PTR A 190 -3.45 17.81 -2.61
C PTR A 190 -4.93 17.48 -2.46
O PTR A 190 -5.80 18.24 -2.89
CB PTR A 190 -2.93 18.47 -1.32
CG PTR A 190 -3.63 19.77 -0.96
CD1 PTR A 190 -3.06 21.00 -1.31
CD2 PTR A 190 -4.84 19.78 -0.27
CE1 PTR A 190 -3.69 22.20 -0.98
CE2 PTR A 190 -5.46 20.97 0.05
CZ PTR A 190 -4.89 22.17 -0.30
OH PTR A 190 -5.48 23.29 0.02
P PTR A 190 -6.47 24.04 -1.02
O1P PTR A 190 -6.80 25.45 -0.50
O2P PTR A 190 -5.80 24.14 -2.40
O3P PTR A 190 -7.71 23.24 -1.13
N TYR A 191 -5.20 16.33 -1.84
CA TYR A 191 -6.57 15.93 -1.51
C TYR A 191 -6.81 16.20 -0.02
N ARG A 192 -8.02 16.61 0.31
CA ARG A 192 -8.34 17.00 1.68
C ARG A 192 -8.90 15.83 2.49
N ASP A 196 -10.05 9.98 10.47
CA ASP A 196 -10.60 8.63 10.60
C ASP A 196 -9.65 7.72 11.36
N GLY A 197 -10.19 6.99 12.34
CA GLY A 197 -9.38 6.06 13.11
C GLY A 197 -8.88 4.89 12.29
N ASP A 198 -9.53 4.64 11.15
CA ASP A 198 -9.13 3.55 10.27
C ASP A 198 -7.97 3.97 9.37
N SER A 199 -7.52 5.21 9.53
CA SER A 199 -6.39 5.73 8.76
C SER A 199 -5.09 5.12 9.25
N PRO A 200 -4.25 4.65 8.31
CA PRO A 200 -2.93 4.08 8.65
C PRO A 200 -1.94 5.19 9.03
N VAL A 201 -2.13 5.77 10.21
CA VAL A 201 -1.34 6.93 10.62
C VAL A 201 0.15 6.64 10.70
N PHE A 202 0.51 5.41 11.04
CA PHE A 202 1.93 5.04 11.18
C PHE A 202 2.60 4.91 9.82
N TRP A 203 1.84 5.12 8.76
CA TRP A 203 2.37 5.12 7.40
C TRP A 203 2.23 6.49 6.74
N TYR A 204 1.79 7.47 7.53
CA TYR A 204 1.45 8.78 6.98
C TYR A 204 2.48 9.87 7.26
N ALA A 205 2.55 10.83 6.35
CA ALA A 205 3.42 11.99 6.50
C ALA A 205 2.78 13.01 7.43
N PRO A 206 3.59 13.92 7.99
CA PRO A 206 3.13 14.93 8.95
C PRO A 206 2.02 15.82 8.40
N GLU A 207 2.10 16.17 7.12
CA GLU A 207 1.12 17.07 6.52
C GLU A 207 -0.26 16.41 6.45
N CYS A 208 -0.29 15.09 6.53
CA CYS A 208 -1.55 14.35 6.57
C CYS A 208 -2.13 14.37 7.99
N LEU A 209 -1.28 14.04 8.96
CA LEU A 209 -1.69 13.99 10.36
C LEU A 209 -1.97 15.37 10.92
N LYS A 210 -1.53 16.40 10.22
CA LYS A 210 -1.52 17.76 10.75
C LYS A 210 -2.45 18.69 9.98
N GLU A 211 -2.24 18.80 8.68
CA GLU A 211 -3.00 19.71 7.83
C GLU A 211 -4.10 18.95 7.10
N TYR A 212 -4.11 17.63 7.27
CA TYR A 212 -5.13 16.78 6.67
C TYR A 212 -5.13 16.93 5.15
N LYS A 213 -3.95 17.17 4.60
CA LYS A 213 -3.76 17.27 3.16
C LYS A 213 -2.94 16.08 2.68
N PHE A 214 -3.31 15.54 1.52
CA PHE A 214 -2.58 14.42 0.95
C PHE A 214 -2.03 14.75 -0.42
N TYR A 215 -0.70 14.88 -0.50
CA TYR A 215 -0.01 15.17 -1.75
C TYR A 215 0.51 13.86 -2.34
N TYR A 216 0.90 13.90 -3.61
CA TYR A 216 1.57 12.75 -4.22
C TYR A 216 2.79 12.38 -3.40
N ALA A 217 3.43 13.41 -2.84
CA ALA A 217 4.60 13.22 -1.98
C ALA A 217 4.21 12.45 -0.71
N SER A 218 2.93 12.49 -0.36
CA SER A 218 2.43 11.79 0.81
C SER A 218 2.54 10.28 0.58
N ASP A 219 2.18 9.84 -0.62
CA ASP A 219 2.31 8.43 -0.99
C ASP A 219 3.77 8.00 -0.94
N VAL A 220 4.67 8.92 -1.24
CA VAL A 220 6.10 8.63 -1.24
C VAL A 220 6.60 8.41 0.17
N TRP A 221 6.06 9.16 1.12
CA TRP A 221 6.36 8.94 2.53
C TRP A 221 5.93 7.52 2.89
N SER A 222 4.76 7.14 2.41
CA SER A 222 4.22 5.80 2.66
C SER A 222 5.12 4.74 2.05
N PHE A 223 5.57 4.96 0.82
CA PHE A 223 6.47 4.03 0.16
C PHE A 223 7.70 3.79 1.01
N GLY A 224 8.23 4.87 1.57
CA GLY A 224 9.38 4.78 2.44
C GLY A 224 9.17 3.86 3.61
N VAL A 225 7.98 3.92 4.20
CA VAL A 225 7.63 3.05 5.31
C VAL A 225 7.49 1.63 4.79
N THR A 226 6.92 1.50 3.60
CA THR A 226 6.75 0.19 2.96
C THR A 226 8.11 -0.42 2.62
N LEU A 227 9.05 0.44 2.23
CA LEU A 227 10.42 -0.01 1.97
C LEU A 227 11.04 -0.53 3.26
N TYR A 228 10.75 0.17 4.36
CA TYR A 228 11.25 -0.23 5.67
C TYR A 228 10.73 -1.61 6.06
N GLU A 229 9.45 -1.84 5.82
CA GLU A 229 8.84 -3.13 6.15
C GLU A 229 9.58 -4.26 5.44
N LEU A 230 9.75 -4.12 4.13
CA LEU A 230 10.44 -5.11 3.32
C LEU A 230 11.81 -5.44 3.88
N LEU A 231 12.57 -4.41 4.23
CA LEU A 231 13.94 -4.57 4.73
C LEU A 231 13.97 -5.24 6.09
N THR A 232 12.84 -5.21 6.81
CA THR A 232 12.75 -5.87 8.10
C THR A 232 11.98 -7.19 7.94
N HIS A 233 11.70 -7.54 6.70
CA HIS A 233 10.97 -8.76 6.38
C HIS A 233 9.63 -8.81 7.09
N CYS A 234 9.02 -7.64 7.30
CA CYS A 234 7.71 -7.52 7.91
C CYS A 234 7.61 -8.24 9.25
N ASP A 235 8.72 -8.27 9.99
CA ASP A 235 8.72 -8.81 11.34
C ASP A 235 7.81 -7.97 12.24
N SER A 236 6.88 -8.62 12.92
CA SER A 236 5.91 -7.93 13.76
C SER A 236 6.57 -7.05 14.81
N SER A 237 7.65 -7.55 15.40
CA SER A 237 8.32 -6.85 16.50
C SER A 237 9.02 -5.57 16.02
N GLN A 238 9.08 -5.39 14.70
CA GLN A 238 9.74 -4.22 14.12
C GLN A 238 8.80 -3.36 13.28
N SER A 239 7.51 -3.67 13.34
CA SER A 239 6.53 -2.97 12.53
C SER A 239 6.42 -1.49 12.92
N PRO A 240 6.01 -0.64 11.98
CA PRO A 240 5.79 0.78 12.21
C PRO A 240 4.93 1.07 13.45
N PRO A 241 3.77 0.40 13.55
CA PRO A 241 2.94 0.59 14.76
C PRO A 241 3.69 0.23 16.04
N THR A 242 4.36 -0.92 16.04
CA THR A 242 5.08 -1.39 17.22
C THR A 242 6.23 -0.47 17.60
N LYS A 243 7.08 -0.16 16.64
CA LYS A 243 8.25 0.68 16.88
C LYS A 243 7.89 2.13 17.18
N PHE A 244 6.87 2.64 16.51
CA PHE A 244 6.41 4.01 16.74
C PHE A 244 5.74 4.15 18.11
N LEU A 245 5.14 3.08 18.59
CA LEU A 245 4.45 3.09 19.88
C LEU A 245 5.44 2.87 21.02
N GLU A 246 6.58 2.27 20.72
CA GLU A 246 7.65 2.14 21.69
C GLU A 246 8.24 3.52 21.98
N LEU A 247 8.24 4.37 20.96
CA LEU A 247 8.76 5.72 21.09
C LEU A 247 7.76 6.64 21.79
N ILE A 248 6.47 6.41 21.56
CA ILE A 248 5.44 7.30 22.09
C ILE A 248 4.93 6.83 23.45
N GLY A 249 4.95 5.52 23.68
CA GLY A 249 4.36 4.96 24.86
C GLY A 249 2.85 4.86 24.72
N ILE A 250 2.20 4.15 25.64
CA ILE A 250 0.77 3.91 25.52
C ILE A 250 -0.03 4.49 26.68
N ALA A 251 0.57 5.44 27.40
CA ALA A 251 -0.17 6.18 28.42
C ALA A 251 -0.48 7.58 27.90
N GLN A 252 -0.76 7.66 26.60
CA GLN A 252 -0.93 8.93 25.91
C GLN A 252 -2.39 9.21 25.55
N GLY A 253 -3.30 8.39 26.07
CA GLY A 253 -4.73 8.56 25.84
C GLY A 253 -5.12 8.86 24.41
N GLN A 254 -5.78 10.00 24.21
CA GLN A 254 -6.30 10.38 22.92
C GLN A 254 -5.27 11.16 22.11
N MET A 255 -4.01 11.10 22.53
CA MET A 255 -2.96 11.90 21.92
C MET A 255 -1.86 11.07 21.24
N THR A 256 -2.21 9.87 20.78
CA THR A 256 -1.24 9.04 20.08
C THR A 256 -0.74 9.75 18.82
N VAL A 257 -1.69 10.25 18.03
CA VAL A 257 -1.37 10.90 16.76
C VAL A 257 -0.62 12.22 16.95
N LEU A 258 -1.04 13.00 17.94
CA LEU A 258 -0.41 14.30 18.19
C LEU A 258 1.03 14.13 18.62
N ARG A 259 1.30 13.12 19.44
CA ARG A 259 2.67 12.79 19.83
C ARG A 259 3.45 12.28 18.62
N LEU A 260 2.81 11.43 17.84
CA LEU A 260 3.40 10.90 16.61
C LEU A 260 3.84 12.02 15.68
N THR A 261 2.99 13.04 15.58
CA THR A 261 3.24 14.16 14.68
C THR A 261 4.48 14.98 15.06
N GLU A 262 4.69 15.16 16.36
CA GLU A 262 5.74 16.06 16.83
C GLU A 262 7.09 15.38 17.02
N LEU A 263 7.10 14.05 17.08
CA LEU A 263 8.36 13.33 17.09
C LEU A 263 8.91 13.26 15.68
N LEU A 264 8.00 13.29 14.71
CA LEU A 264 8.36 13.30 13.30
C LEU A 264 8.91 14.65 12.89
N GLU A 265 8.52 15.69 13.62
CA GLU A 265 8.93 17.05 13.30
C GLU A 265 10.14 17.45 14.13
N ARG A 266 10.55 16.56 15.02
CA ARG A 266 11.83 16.70 15.71
C ARG A 266 12.88 15.95 14.91
N GLY A 267 12.46 15.36 13.80
CA GLY A 267 13.36 14.65 12.92
C GLY A 267 13.57 13.19 13.26
N GLU A 268 12.85 12.70 14.28
CA GLU A 268 12.96 11.30 14.66
C GLU A 268 12.32 10.40 13.61
N ARG A 269 12.92 9.24 13.39
CA ARG A 269 12.48 8.34 12.33
C ARG A 269 12.56 6.88 12.75
N LEU A 270 11.96 6.01 11.95
CA LEU A 270 12.09 4.57 12.13
C LEU A 270 13.56 4.18 12.07
N PRO A 271 13.98 3.26 12.93
CA PRO A 271 15.40 2.88 13.00
C PRO A 271 15.88 2.23 11.71
N ARG A 272 17.19 2.06 11.59
CA ARG A 272 17.76 1.34 10.46
C ARG A 272 17.59 -0.15 10.67
N PRO A 273 16.96 -0.84 9.70
CA PRO A 273 16.79 -2.29 9.82
C PRO A 273 18.12 -3.02 9.69
N ASP A 274 18.38 -3.96 10.59
CA ASP A 274 19.61 -4.74 10.53
C ASP A 274 19.80 -5.35 9.14
N LYS A 275 21.03 -5.30 8.63
CA LYS A 275 21.35 -5.81 7.30
C LYS A 275 20.78 -4.92 6.21
N CYS A 276 20.47 -3.68 6.55
CA CYS A 276 20.04 -2.70 5.57
C CYS A 276 21.22 -1.80 5.17
N PRO A 277 21.58 -1.81 3.88
CA PRO A 277 22.70 -1.02 3.36
C PRO A 277 22.56 0.47 3.66
N ALA A 278 23.68 1.13 3.92
CA ALA A 278 23.69 2.54 4.30
C ALA A 278 22.91 3.42 3.33
N GLU A 279 23.22 3.29 2.03
CA GLU A 279 22.59 4.14 1.02
C GLU A 279 21.09 3.88 0.90
N VAL A 280 20.69 2.64 1.16
CA VAL A 280 19.28 2.29 1.11
C VAL A 280 18.52 3.03 2.22
N TYR A 281 19.09 3.02 3.42
CA TYR A 281 18.48 3.71 4.54
C TYR A 281 18.39 5.20 4.25
N HIS A 282 19.44 5.74 3.65
CA HIS A 282 19.44 7.14 3.21
C HIS A 282 18.27 7.36 2.26
N LEU A 283 18.03 6.38 1.40
CA LEU A 283 16.93 6.44 0.45
C LEU A 283 15.60 6.48 1.21
N MET A 284 15.55 5.77 2.32
CA MET A 284 14.37 5.78 3.19
C MET A 284 14.18 7.15 3.82
N LYS A 285 15.24 7.69 4.40
CA LYS A 285 15.17 8.98 5.08
C LYS A 285 14.81 10.11 4.11
N ASN A 286 15.16 9.93 2.84
CA ASN A 286 14.86 10.93 1.81
C ASN A 286 13.37 10.92 1.49
N CYS A 287 12.77 9.73 1.57
CA CYS A 287 11.33 9.61 1.41
C CYS A 287 10.60 10.15 2.63
N TRP A 288 11.34 10.26 3.74
CA TRP A 288 10.76 10.71 5.00
C TRP A 288 11.12 12.17 5.31
N GLU A 289 11.29 12.97 4.28
CA GLU A 289 11.56 14.39 4.47
C GLU A 289 10.34 15.06 5.12
N THR A 290 10.58 15.81 6.18
CA THR A 290 9.50 16.58 6.80
C THR A 290 8.91 17.52 5.77
N GLU A 291 9.79 18.11 4.96
CA GLU A 291 9.38 18.98 3.88
C GLU A 291 9.04 18.15 2.64
N ALA A 292 7.75 18.05 2.34
CA ALA A 292 7.26 17.17 1.29
C ALA A 292 7.86 17.46 -0.08
N SER A 293 8.23 18.72 -0.32
CA SER A 293 8.79 19.11 -1.61
C SER A 293 10.23 18.61 -1.75
N PHE A 294 10.84 18.23 -0.64
CA PHE A 294 12.21 17.70 -0.67
C PHE A 294 12.20 16.20 -0.96
N ARG A 295 11.00 15.64 -1.11
CA ARG A 295 10.85 14.22 -1.39
C ARG A 295 10.88 13.93 -2.87
N PRO A 296 11.60 12.88 -3.26
CA PRO A 296 11.64 12.41 -4.65
C PRO A 296 10.26 11.93 -5.11
N THR A 297 9.96 12.14 -6.39
CA THR A 297 8.75 11.57 -6.98
C THR A 297 8.99 10.08 -7.17
N PHE A 298 7.94 9.35 -7.50
CA PHE A 298 8.11 7.95 -7.85
C PHE A 298 8.87 7.87 -9.17
N GLU A 299 8.72 8.91 -9.98
CA GLU A 299 9.49 9.05 -11.21
C GLU A 299 10.98 8.98 -10.89
N ASN A 300 11.42 9.85 -10.00
CA ASN A 300 12.84 9.95 -9.64
C ASN A 300 13.38 8.65 -9.07
N LEU A 301 12.54 7.92 -8.35
CA LEU A 301 12.97 6.73 -7.62
C LEU A 301 13.22 5.53 -8.53
N ILE A 302 12.45 5.40 -9.59
CA ILE A 302 12.58 4.26 -10.50
C ILE A 302 14.02 4.12 -11.00
N PRO A 303 14.59 5.21 -11.55
CA PRO A 303 15.99 5.20 -11.99
C PRO A 303 16.97 4.82 -10.89
N ILE A 304 16.71 5.26 -9.65
CA ILE A 304 17.62 5.05 -8.55
C ILE A 304 17.56 3.62 -8.02
N LEU A 305 16.34 3.10 -7.86
CA LEU A 305 16.16 1.72 -7.40
C LEU A 305 16.73 0.74 -8.41
N LYS A 306 16.53 1.08 -9.69
CA LYS A 306 17.01 0.27 -10.79
C LYS A 306 18.52 0.05 -10.67
N THR A 307 19.22 1.08 -10.21
CA THR A 307 20.67 1.06 -10.11
C THR A 307 21.15 0.39 -8.82
N VAL A 308 20.48 0.68 -7.71
CA VAL A 308 20.82 0.06 -6.43
C VAL A 308 20.52 -1.43 -6.47
N HIS A 309 19.54 -1.79 -7.29
CA HIS A 309 19.17 -3.19 -7.46
C HIS A 309 20.24 -3.97 -8.22
N GLU A 310 20.61 -3.45 -9.39
CA GLU A 310 21.64 -4.06 -10.21
C GLU A 310 22.93 -4.26 -9.42
N LYS A 311 23.18 -3.35 -8.49
CA LYS A 311 24.37 -3.42 -7.64
C LYS A 311 24.35 -4.68 -6.79
N TYR A 312 23.40 -4.75 -5.88
CA TYR A 312 23.33 -5.86 -4.93
C TYR A 312 22.86 -7.15 -5.60
N GLN A 313 22.33 -7.02 -6.81
CA GLN A 313 21.95 -8.18 -7.61
C GLN A 313 23.22 -8.80 -8.22
N GLY A 314 24.32 -8.75 -7.47
CA GLY A 314 25.58 -9.29 -7.91
C GLY A 314 26.50 -9.63 -6.76
N3 G4J B . -4.00 -13.30 -2.54
C4 G4J B . -3.40 -15.27 -1.01
N2 G4J B . -3.43 -15.52 0.33
C7 G4J B . -6.31 -10.05 -3.60
C6 G4J B . -5.95 -11.02 -4.52
C9 G4J B . -6.03 -9.64 0.11
C13 G4J B . -6.35 -6.96 -0.61
C8 G4J B . -5.86 -10.20 -2.25
N5 G4J B . -5.09 -11.31 -1.90
C18 G4J B . -9.68 -5.67 2.02
C16 G4J B . -8.35 -5.69 1.44
C1 G4J B . -4.12 -14.25 2.34
N1 G4J B . -3.94 -14.39 0.89
C2 G4J B . -4.25 -13.40 -0.04
C3 G4J B . -3.89 -13.95 -1.29
C5 G4J B . -4.81 -12.21 -2.91
N4 G4J B . -5.22 -12.12 -4.23
N6 G4J B . -6.13 -9.32 -1.31
C10 G4J B . -5.56 -8.45 0.92
C11 G4J B . -4.30 -7.83 0.32
C12 G4J B . -4.83 -6.80 -0.70
C14 G4J B . -6.80 -8.05 -1.57
N7 G4J B . -6.54 -7.36 0.78
C15 G4J B . -7.42 -6.82 1.76
O1 G4J B . -7.43 -7.30 2.89
C17 G4J B . -8.68 -4.79 2.60
F1 G4J B . -10.75 -5.17 1.33
F2 G4J B . -10.13 -6.76 2.73
H9 G4J B . -3.41 -13.67 -3.27
H8 G4J B . -3.02 -16.03 -1.70
H11 G4J B . -6.91 -9.19 -3.90
H10 G4J B . -6.27 -10.96 -5.56
H13 G4J B . -5.33 -10.48 0.27
H12 G4J B . -6.99 -10.00 0.48
H2 G4J B . -6.87 -6.03 -0.82
H3 G4J B . -8.21 -5.24 0.45
H4 G4J B . -4.66 -15.10 2.74
H5 G4J B . -3.16 -14.19 2.84
H6 G4J B . -4.68 -13.35 2.58
H7 G4J B . -4.66 -12.43 0.22
H1 G4J B . -5.42 -8.73 1.95
H15 G4J B . -3.65 -8.57 -0.15
H14 G4J B . -3.69 -7.36 1.08
H17 G4J B . -4.51 -5.78 -0.46
H16 G4J B . -4.46 -7.00 -1.70
H19 G4J B . -7.89 -8.16 -1.53
H18 G4J B . -6.60 -7.71 -2.59
H20 G4J B . -8.75 -3.71 2.46
H21 G4J B . -8.25 -4.99 3.58
#